data_2WSA
#
_entry.id   2WSA
#
_cell.length_a   47.510
_cell.length_b   90.317
_cell.length_c   52.972
_cell.angle_alpha   90.00
_cell.angle_beta   112.27
_cell.angle_gamma   90.00
#
_symmetry.space_group_name_H-M   'P 1 21 1'
#
loop_
_entity.id
_entity.type
_entity.pdbx_description
1 polymer 'GLYCYLPEPTIDE N-TETRADECANOYLTRANSFERASE'
2 non-polymer TETRADECANOYL-COA
3 non-polymer 2,6-dichloro-4-(2-piperazin-1-ylpyridin-4-yl)-N-(1,3,5-trimethyl-1H-pyrazol-4-yl)benzenesulfonamide
4 water water
#
_entity_poly.entity_id   1
_entity_poly.type   'polypeptide(L)'
_entity_poly.pdbx_seq_one_letter_code
;MGSSHHHHHHSSGRENLYFQGPSNSDAAHAFWSTQPVPQTEDEDEKIVFAGPMDEPKTVADIPEEPYPIASTFEWWTPNM
EAADDIHAIYELLRDNYVEDDDSMFRFNYSEEFLQWALCPPNYIPDWHVAVRRKADKKLLAFIAGVPVTLRMGTPKYMKV
KAQEKGEGEEAAKYDEPRHICEINFLCVHKQLREKRLAPILIKEATRRVNRTNVWQAVYTAGVLLPTPYASGQYFHRSLN
PEKLVEIRFSGIPAQYQKFQNPMAMLKRNYQLPSAPKNSGLREMKPSDVPQVRRILMNYLDSFDVGPVFSDAEISHYLLP
RDGVVFTYVVENDKKVTDFFSFYRIPSTVIGNSNYNLLNAAYVHYYAATSIPLHQLILDLLIVAHSRGFDVCNMVEILDN
RSFVEQLKFGAGDGHLRYYFYNWAYPKIKPSQVALVML
;
_entity_poly.pdbx_strand_id   A
#
# COMPACT_ATOMS: atom_id res chain seq x y z
N ALA A 28 -17.03 -16.75 -13.21
CA ALA A 28 -18.00 -16.51 -12.12
C ALA A 28 -17.23 -16.23 -10.82
N HIS A 29 -17.91 -15.54 -9.90
CA HIS A 29 -17.32 -15.22 -8.61
C HIS A 29 -18.33 -15.55 -7.53
N ALA A 30 -18.30 -16.79 -7.01
CA ALA A 30 -19.28 -17.27 -6.01
C ALA A 30 -19.33 -16.37 -4.78
N PHE A 31 -18.21 -15.74 -4.44
CA PHE A 31 -18.19 -14.83 -3.29
C PHE A 31 -18.42 -13.36 -3.70
N TRP A 32 -17.56 -12.85 -4.60
CA TRP A 32 -17.63 -11.46 -4.98
C TRP A 32 -18.97 -11.06 -5.60
N SER A 33 -19.65 -12.02 -6.23
CA SER A 33 -20.99 -11.73 -6.75
C SER A 33 -22.05 -11.41 -5.68
N THR A 34 -21.77 -11.78 -4.44
CA THR A 34 -22.69 -11.56 -3.30
C THR A 34 -22.44 -10.26 -2.53
N GLN A 35 -21.41 -9.51 -2.93
CA GLN A 35 -20.86 -8.40 -2.14
C GLN A 35 -21.21 -7.06 -2.77
N PRO A 36 -21.23 -5.98 -1.97
CA PRO A 36 -21.62 -4.68 -2.50
C PRO A 36 -20.43 -3.98 -3.16
N VAL A 37 -20.03 -4.51 -4.31
CA VAL A 37 -18.97 -3.91 -5.15
C VAL A 37 -19.49 -3.90 -6.59
N PRO A 38 -19.01 -2.96 -7.43
CA PRO A 38 -19.40 -3.03 -8.83
C PRO A 38 -18.98 -4.35 -9.46
N GLN A 39 -19.83 -4.94 -10.30
CA GLN A 39 -19.60 -6.32 -10.72
C GLN A 39 -18.82 -6.45 -12.01
N THR A 40 -18.92 -5.43 -12.87
CA THR A 40 -18.23 -5.44 -14.16
C THR A 40 -17.66 -4.08 -14.48
N GLU A 41 -16.74 -4.05 -15.46
CA GLU A 41 -16.24 -2.80 -16.04
C GLU A 41 -17.36 -1.99 -16.69
N ASP A 42 -18.25 -2.66 -17.42
CA ASP A 42 -19.41 -1.99 -17.99
C ASP A 42 -20.23 -1.26 -16.93
N GLU A 43 -20.41 -1.88 -15.78
CA GLU A 43 -21.12 -1.24 -14.67
C GLU A 43 -20.32 -0.01 -14.19
N ASP A 44 -19.00 -0.16 -14.08
CA ASP A 44 -18.12 0.94 -13.63
C ASP A 44 -18.17 2.16 -14.51
N GLU A 45 -18.40 1.93 -15.81
CA GLU A 45 -18.52 3.02 -16.79
C GLU A 45 -19.80 3.82 -16.62
N LYS A 46 -20.83 3.21 -16.04
CA LYS A 46 -22.09 3.91 -15.79
C LYS A 46 -22.10 4.70 -14.46
N ILE A 47 -21.04 4.53 -13.65
CA ILE A 47 -20.94 5.26 -12.37
C ILE A 47 -20.50 6.68 -12.62
N VAL A 48 -21.30 7.62 -12.12
CA VAL A 48 -21.03 9.02 -12.36
C VAL A 48 -20.83 9.79 -11.03
N PHE A 49 -21.36 9.26 -9.92
CA PHE A 49 -21.18 9.90 -8.62
C PHE A 49 -20.59 8.93 -7.60
N ALA A 50 -19.75 9.43 -6.69
CA ALA A 50 -19.38 8.64 -5.54
C ALA A 50 -20.60 8.45 -4.63
N GLY A 51 -20.69 7.27 -4.05
CA GLY A 51 -21.71 6.97 -3.06
C GLY A 51 -21.77 5.49 -2.69
N PRO A 52 -22.53 5.14 -1.64
CA PRO A 52 -22.58 3.73 -1.22
C PRO A 52 -23.26 2.85 -2.25
N MET A 53 -22.95 1.57 -2.23
CA MET A 53 -23.65 0.62 -3.09
C MET A 53 -24.91 0.09 -2.43
N ASP A 54 -24.75 -0.35 -1.16
CA ASP A 54 -25.73 -1.10 -0.33
C ASP A 54 -26.78 -0.21 0.34
N GLU A 55 -27.72 -0.90 0.96
CA GLU A 55 -28.75 -0.27 1.78
C GLU A 55 -28.14 0.41 3.02
N PRO A 56 -28.56 1.65 3.33
CA PRO A 56 -28.09 2.12 4.65
C PRO A 56 -28.53 1.14 5.74
N LYS A 57 -27.61 0.77 6.62
CA LYS A 57 -27.89 -0.17 7.73
C LYS A 57 -27.38 0.42 9.06
N THR A 58 -27.83 -0.12 10.19
CA THR A 58 -27.35 0.36 11.49
C THR A 58 -26.44 -0.65 12.22
N VAL A 59 -25.65 -0.23 13.21
CA VAL A 59 -24.86 -1.14 14.07
C VAL A 59 -25.79 -2.21 14.69
N ALA A 60 -26.98 -1.79 15.10
CA ALA A 60 -27.97 -2.71 15.71
C ALA A 60 -28.39 -3.84 14.77
N ASP A 61 -28.42 -3.55 13.47
CA ASP A 61 -28.66 -4.56 12.43
C ASP A 61 -27.58 -5.65 12.32
N ILE A 62 -26.39 -5.39 12.87
CA ILE A 62 -25.24 -6.28 12.67
C ILE A 62 -25.12 -7.32 13.78
N PRO A 63 -25.02 -8.62 13.39
CA PRO A 63 -24.90 -9.70 14.33
C PRO A 63 -23.82 -9.38 15.37
N GLU A 64 -24.13 -9.55 16.64
CA GLU A 64 -23.09 -9.47 17.66
C GLU A 64 -22.24 -10.73 17.78
N GLU A 65 -22.77 -11.88 17.34
CA GLU A 65 -22.00 -13.12 17.41
C GLU A 65 -21.06 -13.15 16.19
N PRO A 66 -19.83 -13.68 16.36
CA PRO A 66 -18.92 -13.85 15.24
C PRO A 66 -19.50 -14.68 14.11
N TYR A 67 -19.01 -14.44 12.91
CA TYR A 67 -19.44 -15.26 11.80
C TYR A 67 -19.17 -16.75 12.10
N PRO A 68 -20.13 -17.64 11.72
CA PRO A 68 -19.88 -19.06 11.99
C PRO A 68 -18.64 -19.59 11.28
N ILE A 69 -17.98 -20.52 11.97
CA ILE A 69 -16.78 -21.14 11.47
C ILE A 69 -16.74 -22.60 11.95
N ALA A 70 -16.10 -23.45 11.17
CA ALA A 70 -16.08 -24.90 11.43
C ALA A 70 -15.62 -25.17 12.87
N SER A 71 -16.20 -26.21 13.48
CA SER A 71 -15.99 -26.48 14.90
C SER A 71 -14.51 -26.73 15.29
N THR A 72 -13.69 -27.13 14.30
CA THR A 72 -12.27 -27.36 14.56
C THR A 72 -11.43 -26.08 14.49
N PHE A 73 -12.04 -24.96 14.14
CA PHE A 73 -11.38 -23.65 14.08
C PHE A 73 -11.94 -22.68 15.13
N GLU A 74 -11.21 -21.60 15.36
CA GLU A 74 -11.68 -20.54 16.23
C GLU A 74 -11.10 -19.23 15.78
N TRP A 75 -11.86 -18.18 16.01
CA TRP A 75 -11.42 -16.79 15.81
C TRP A 75 -10.45 -16.48 16.91
N TRP A 76 -9.39 -15.75 16.54
CA TRP A 76 -8.41 -15.23 17.51
C TRP A 76 -8.09 -13.77 17.15
N THR A 77 -8.04 -12.88 18.15
CA THR A 77 -7.66 -11.50 17.94
C THR A 77 -6.25 -11.29 18.50
N PRO A 78 -5.24 -11.24 17.62
CA PRO A 78 -3.92 -11.05 18.17
C PRO A 78 -3.75 -9.62 18.64
N ASN A 79 -2.93 -9.42 19.66
CA ASN A 79 -2.54 -8.08 20.11
C ASN A 79 -1.28 -7.65 19.33
N MET A 80 -1.48 -6.75 18.36
CA MET A 80 -0.43 -6.28 17.46
C MET A 80 0.59 -5.32 18.06
N GLU A 81 0.48 -5.08 19.37
CA GLU A 81 1.48 -4.36 20.15
C GLU A 81 2.37 -5.28 21.00
N ALA A 82 1.88 -6.52 21.12
CA ALA A 82 2.54 -7.54 21.92
C ALA A 82 3.50 -8.38 21.12
N ALA A 83 4.78 -8.29 21.47
CA ALA A 83 5.82 -8.99 20.72
C ALA A 83 5.50 -10.43 20.30
N ASP A 84 5.01 -11.29 21.22
CA ASP A 84 4.72 -12.71 20.78
C ASP A 84 3.68 -12.79 19.74
N ASP A 85 2.59 -12.03 19.92
CA ASP A 85 1.43 -12.14 19.00
C ASP A 85 1.92 -11.60 17.64
N ILE A 86 2.68 -10.50 17.68
CA ILE A 86 3.25 -9.96 16.44
C ILE A 86 4.11 -11.05 15.78
N HIS A 87 4.93 -11.73 16.58
CA HIS A 87 5.80 -12.81 16.01
C HIS A 87 5.01 -13.97 15.38
N ALA A 88 3.93 -14.39 16.05
CA ALA A 88 3.03 -15.39 15.49
C ALA A 88 2.48 -14.98 14.12
N ILE A 89 1.95 -13.75 13.99
CA ILE A 89 1.40 -13.29 12.72
C ILE A 89 2.54 -13.15 11.69
N TYR A 90 3.66 -12.60 12.14
CA TYR A 90 4.87 -12.53 11.31
C TYR A 90 5.24 -13.88 10.65
N GLU A 91 5.24 -14.99 11.44
CA GLU A 91 5.61 -16.28 10.86
C GLU A 91 4.63 -16.73 9.78
N LEU A 92 3.33 -16.57 10.05
CA LEU A 92 2.32 -16.92 9.07
C LEU A 92 2.58 -16.17 7.77
N LEU A 93 2.75 -14.85 7.85
CA LEU A 93 2.98 -14.07 6.64
C LEU A 93 4.30 -14.42 5.97
N ARG A 94 5.36 -14.58 6.76
CA ARG A 94 6.65 -14.94 6.21
C ARG A 94 6.57 -16.20 5.33
N ASP A 95 5.79 -17.19 5.78
CA ASP A 95 5.74 -18.49 5.13
C ASP A 95 4.61 -18.64 4.12
N ASN A 96 3.63 -17.73 4.13
CA ASN A 96 2.37 -17.92 3.37
C ASN A 96 1.83 -16.66 2.69
N TYR A 97 2.52 -15.53 2.78
CA TYR A 97 1.99 -14.33 2.14
C TYR A 97 2.36 -14.23 0.64
N VAL A 98 2.23 -13.02 0.06
CA VAL A 98 2.35 -12.83 -1.40
C VAL A 98 3.68 -13.35 -2.00
N GLU A 99 3.56 -14.19 -3.02
CA GLU A 99 4.71 -14.64 -3.80
C GLU A 99 4.50 -14.22 -5.24
N ASP A 100 5.60 -14.17 -5.99
CA ASP A 100 5.44 -14.06 -7.45
C ASP A 100 4.90 -15.38 -8.02
N ASP A 101 4.60 -15.39 -9.31
CA ASP A 101 4.03 -16.59 -9.91
C ASP A 101 5.02 -17.76 -10.04
N ASP A 102 6.31 -17.44 -10.12
CA ASP A 102 7.32 -18.47 -10.23
C ASP A 102 7.96 -18.92 -8.90
N SER A 103 7.32 -18.55 -7.79
CA SER A 103 7.77 -18.89 -6.45
C SER A 103 9.26 -18.66 -6.29
N MET A 104 9.68 -17.45 -6.66
CA MET A 104 11.03 -16.98 -6.47
C MET A 104 11.11 -16.09 -5.27
N PHE A 105 10.06 -15.30 -5.03
CA PHE A 105 10.13 -14.26 -3.98
C PHE A 105 8.88 -14.29 -3.13
N ARG A 106 9.02 -14.06 -1.82
CA ARG A 106 7.83 -14.00 -0.98
C ARG A 106 8.02 -12.84 -0.03
N PHE A 107 7.00 -12.00 0.13
CA PHE A 107 7.14 -10.84 1.07
C PHE A 107 7.53 -11.33 2.47
N ASN A 108 8.42 -10.59 3.13
CA ASN A 108 8.84 -10.90 4.49
C ASN A 108 8.74 -9.62 5.32
N TYR A 109 7.52 -9.06 5.43
CA TYR A 109 7.30 -7.90 6.30
C TYR A 109 7.83 -8.19 7.68
N SER A 110 8.59 -7.26 8.25
CA SER A 110 9.20 -7.54 9.57
C SER A 110 8.18 -7.38 10.71
N GLU A 111 8.54 -7.92 11.87
CA GLU A 111 7.71 -7.69 13.08
C GLU A 111 7.50 -6.18 13.39
N GLU A 112 8.57 -5.39 13.24
CA GLU A 112 8.49 -3.97 13.53
C GLU A 112 7.61 -3.28 12.50
N PHE A 113 7.70 -3.74 11.26
CA PHE A 113 6.82 -3.19 10.22
C PHE A 113 5.37 -3.49 10.55
N LEU A 114 5.07 -4.74 10.91
CA LEU A 114 3.65 -5.08 11.17
C LEU A 114 3.06 -4.25 12.32
N GLN A 115 3.83 -4.04 13.39
CA GLN A 115 3.32 -3.25 14.50
C GLN A 115 3.09 -1.80 14.01
N TRP A 116 4.02 -1.27 13.23
CA TRP A 116 3.85 0.07 12.65
C TRP A 116 2.62 0.19 11.72
N ALA A 117 2.48 -0.73 10.76
CA ALA A 117 1.37 -0.64 9.82
C ALA A 117 0.00 -0.79 10.48
N LEU A 118 -0.03 -1.66 11.49
CA LEU A 118 -1.33 -2.10 12.02
C LEU A 118 -1.80 -1.39 13.26
N CYS A 119 -0.93 -0.60 13.88
CA CYS A 119 -1.31 0.12 15.10
C CYS A 119 -1.13 1.62 14.96
N PRO A 120 -1.69 2.24 13.90
CA PRO A 120 -1.62 3.69 13.79
C PRO A 120 -2.57 4.37 14.82
N PRO A 121 -2.59 5.70 14.88
CA PRO A 121 -3.47 6.40 15.81
C PRO A 121 -4.93 5.98 15.69
N ASN A 122 -5.50 5.67 16.86
CA ASN A 122 -6.90 5.28 17.00
C ASN A 122 -7.23 3.98 16.28
N TYR A 123 -6.24 3.10 16.16
CA TYR A 123 -6.52 1.81 15.55
C TYR A 123 -7.47 1.03 16.46
N ILE A 124 -8.16 0.07 15.84
CA ILE A 124 -9.13 -0.75 16.55
C ILE A 124 -8.57 -2.18 16.63
N PRO A 125 -8.19 -2.61 17.84
CA PRO A 125 -7.61 -3.92 18.00
C PRO A 125 -8.46 -5.05 17.41
N ASP A 126 -9.78 -4.91 17.53
CA ASP A 126 -10.72 -5.91 17.05
C ASP A 126 -10.70 -6.08 15.54
N TRP A 127 -10.14 -5.11 14.82
CA TRP A 127 -9.99 -5.29 13.35
C TRP A 127 -8.79 -6.16 12.92
N HIS A 128 -8.04 -6.71 13.87
CA HIS A 128 -6.93 -7.62 13.55
C HIS A 128 -7.44 -9.04 13.80
N VAL A 129 -7.72 -9.76 12.71
CA VAL A 129 -8.56 -10.96 12.79
C VAL A 129 -7.79 -12.18 12.34
N ALA A 130 -7.66 -13.18 13.21
CA ALA A 130 -6.98 -14.42 12.84
C ALA A 130 -7.90 -15.62 13.01
N VAL A 131 -7.55 -16.72 12.33
CA VAL A 131 -8.13 -18.05 12.61
C VAL A 131 -7.02 -18.98 13.08
N ARG A 132 -7.31 -19.74 14.13
CA ARG A 132 -6.40 -20.80 14.56
C ARG A 132 -7.11 -22.14 14.64
N ARG A 133 -6.35 -23.21 14.49
CA ARG A 133 -6.89 -24.57 14.67
C ARG A 133 -7.07 -24.75 16.18
N LYS A 134 -8.28 -25.12 16.61
CA LYS A 134 -8.65 -25.13 18.06
C LYS A 134 -7.79 -26.05 18.92
N ALA A 135 -7.47 -27.22 18.39
CA ALA A 135 -6.82 -28.30 19.15
C ALA A 135 -5.45 -27.91 19.69
N ASP A 136 -4.63 -27.37 18.80
CA ASP A 136 -3.21 -27.14 19.08
C ASP A 136 -2.86 -25.70 18.77
N LYS A 137 -3.89 -24.89 18.50
CA LYS A 137 -3.72 -23.47 18.22
C LYS A 137 -2.78 -23.15 17.02
N LYS A 138 -2.70 -24.03 16.02
CA LYS A 138 -1.95 -23.72 14.77
C LYS A 138 -2.56 -22.51 14.08
N LEU A 139 -1.73 -21.52 13.76
CA LEU A 139 -2.27 -20.33 13.12
C LEU A 139 -2.53 -20.56 11.62
N LEU A 140 -3.74 -20.24 11.16
CA LEU A 140 -4.19 -20.65 9.80
C LEU A 140 -4.50 -19.51 8.83
N ALA A 141 -4.88 -18.35 9.34
CA ALA A 141 -5.32 -17.24 8.46
C ALA A 141 -5.30 -15.93 9.21
N PHE A 142 -5.23 -14.82 8.47
CA PHE A 142 -5.19 -13.49 9.03
C PHE A 142 -5.81 -12.53 8.02
N ILE A 143 -6.38 -11.47 8.56
CA ILE A 143 -6.78 -10.27 7.76
C ILE A 143 -6.75 -9.08 8.73
N ALA A 144 -6.39 -7.91 8.25
CA ALA A 144 -6.30 -6.80 9.19
C ALA A 144 -6.90 -5.53 8.59
N GLY A 145 -7.68 -4.85 9.41
CA GLY A 145 -8.14 -3.50 9.09
C GLY A 145 -7.48 -2.44 9.93
N VAL A 146 -7.30 -1.25 9.37
CA VAL A 146 -6.87 -0.07 10.13
C VAL A 146 -7.74 1.10 9.70
N PRO A 147 -7.93 2.11 10.59
CA PRO A 147 -8.70 3.28 10.19
C PRO A 147 -7.92 4.10 9.16
N VAL A 148 -8.67 4.81 8.32
CA VAL A 148 -8.07 5.84 7.47
C VAL A 148 -9.13 6.88 7.26
N THR A 149 -8.70 8.13 7.19
CA THR A 149 -9.61 9.23 6.86
C THR A 149 -9.34 9.51 5.38
N LEU A 150 -10.34 9.26 4.55
CA LEU A 150 -10.10 9.30 3.10
C LEU A 150 -11.01 10.28 2.37
N ARG A 151 -10.41 11.09 1.49
CA ARG A 151 -11.22 11.84 0.53
C ARG A 151 -11.58 10.85 -0.60
N MET A 152 -12.90 10.69 -0.80
CA MET A 152 -13.40 9.66 -1.73
C MET A 152 -14.69 10.13 -2.40
N GLY A 153 -14.81 11.45 -2.49
CA GLY A 153 -15.91 12.15 -3.18
C GLY A 153 -15.73 12.06 -4.69
N THR A 154 -16.78 12.43 -5.42
CA THR A 154 -16.76 12.38 -6.89
C THR A 154 -15.49 13.05 -7.44
N PRO A 155 -14.78 12.35 -8.35
CA PRO A 155 -13.53 12.88 -8.89
C PRO A 155 -13.76 14.11 -9.77
N LYS A 156 -12.70 14.89 -9.97
CA LYS A 156 -12.81 16.19 -10.66
C LYS A 156 -13.49 16.09 -12.02
N TYR A 157 -13.01 15.17 -12.87
CA TYR A 157 -13.57 15.06 -14.23
C TYR A 157 -15.06 14.75 -14.19
N MET A 158 -15.52 14.01 -13.17
CA MET A 158 -16.94 13.69 -13.08
C MET A 158 -17.77 14.80 -12.45
N LYS A 159 -17.18 15.57 -11.55
CA LYS A 159 -17.82 16.80 -11.09
C LYS A 159 -18.07 17.78 -12.24
N VAL A 160 -17.16 17.85 -13.21
CA VAL A 160 -17.36 18.71 -14.38
C VAL A 160 -18.58 18.25 -15.19
N LYS A 161 -18.67 16.94 -15.44
CA LYS A 161 -19.85 16.37 -16.15
C LYS A 161 -21.14 16.71 -15.39
N ALA A 162 -21.10 16.58 -14.06
CA ALA A 162 -22.23 16.91 -13.20
C ALA A 162 -22.67 18.38 -13.33
N GLN A 163 -21.73 19.31 -13.31
CA GLN A 163 -22.05 20.72 -13.53
C GLN A 163 -22.72 20.94 -14.91
N GLU A 164 -22.21 20.26 -15.93
CA GLU A 164 -22.72 20.45 -17.29
C GLU A 164 -24.18 20.02 -17.38
N LYS A 165 -24.58 19.13 -16.47
CA LYS A 165 -25.91 18.57 -16.50
C LYS A 165 -26.80 19.05 -15.38
N GLY A 166 -26.32 19.97 -14.54
CA GLY A 166 -27.14 20.47 -13.45
C GLY A 166 -27.30 19.51 -12.30
N GLU A 167 -26.30 18.65 -12.13
CA GLU A 167 -26.29 17.52 -11.16
C GLU A 167 -25.19 17.74 -10.12
N GLY A 168 -24.80 19.00 -9.91
CA GLY A 168 -23.76 19.36 -8.92
C GLY A 168 -24.02 18.83 -7.53
N GLU A 169 -25.27 18.91 -7.10
CA GLU A 169 -25.64 18.50 -5.76
C GLU A 169 -25.41 17.01 -5.49
N GLU A 170 -25.89 16.15 -6.40
CA GLU A 170 -25.69 14.73 -6.20
C GLU A 170 -24.19 14.42 -6.27
N ALA A 171 -23.46 15.13 -7.13
CA ALA A 171 -22.03 14.86 -7.26
C ALA A 171 -21.22 15.29 -6.03
N ALA A 172 -21.73 16.25 -5.25
CA ALA A 172 -21.00 16.78 -4.09
C ALA A 172 -21.38 16.10 -2.76
N LYS A 173 -22.37 15.22 -2.81
CA LYS A 173 -22.99 14.64 -1.60
C LYS A 173 -21.96 14.05 -0.63
N TYR A 174 -20.94 13.36 -1.17
CA TYR A 174 -19.94 12.71 -0.31
C TYR A 174 -18.55 13.26 -0.45
N ASP A 175 -18.46 14.59 -0.67
CA ASP A 175 -17.17 15.29 -0.72
C ASP A 175 -16.37 15.30 0.56
N GLU A 176 -17.04 15.27 1.73
CA GLU A 176 -16.30 15.38 2.99
C GLU A 176 -15.51 14.11 3.23
N PRO A 177 -14.29 14.26 3.77
CA PRO A 177 -13.46 13.08 4.02
C PRO A 177 -14.17 12.15 4.98
N ARG A 178 -14.01 10.85 4.72
CA ARG A 178 -14.73 9.83 5.46
C ARG A 178 -13.79 8.99 6.28
N HIS A 179 -14.24 8.66 7.49
CA HIS A 179 -13.55 7.70 8.33
C HIS A 179 -13.94 6.26 7.96
N ILE A 180 -13.03 5.56 7.26
CA ILE A 180 -13.31 4.21 6.77
C ILE A 180 -12.20 3.22 7.22
N CYS A 181 -12.16 2.04 6.60
CA CYS A 181 -11.26 0.90 6.95
C CYS A 181 -10.34 0.72 5.75
N GLU A 182 -9.06 0.47 6.02
CA GLU A 182 -8.16 0.02 4.99
C GLU A 182 -7.84 -1.44 5.32
N ILE A 183 -7.99 -2.35 4.35
CA ILE A 183 -7.78 -3.78 4.61
C ILE A 183 -6.51 -4.24 3.97
N ASN A 184 -5.74 -5.09 4.66
CA ASN A 184 -4.43 -5.54 4.16
C ASN A 184 -4.11 -6.86 4.87
N PHE A 185 -3.08 -7.53 4.37
CA PHE A 185 -2.47 -8.73 4.97
C PHE A 185 -3.43 -9.91 5.05
N LEU A 186 -4.41 -9.95 4.13
CA LEU A 186 -5.23 -11.17 3.98
C LEU A 186 -4.33 -12.36 3.59
N CYS A 187 -4.41 -13.44 4.36
CA CYS A 187 -3.49 -14.52 4.18
C CYS A 187 -4.08 -15.83 4.66
N VAL A 188 -4.07 -16.84 3.79
CA VAL A 188 -4.52 -18.18 4.23
C VAL A 188 -3.32 -19.10 4.11
N HIS A 189 -3.14 -19.94 5.11
CA HIS A 189 -2.02 -20.91 5.14
C HIS A 189 -2.04 -21.73 3.84
N LYS A 190 -0.85 -21.97 3.26
CA LYS A 190 -0.73 -22.78 2.05
C LYS A 190 -1.50 -24.10 2.10
N GLN A 191 -1.50 -24.79 3.25
CA GLN A 191 -2.24 -26.06 3.38
C GLN A 191 -3.78 -25.92 3.33
N LEU A 192 -4.27 -24.69 3.47
CA LEU A 192 -5.70 -24.45 3.55
C LEU A 192 -6.25 -23.69 2.35
N ARG A 193 -5.43 -23.55 1.31
CA ARG A 193 -5.85 -22.86 0.09
C ARG A 193 -7.01 -23.54 -0.67
N GLU A 194 -7.82 -22.70 -1.30
CA GLU A 194 -8.95 -23.12 -2.16
C GLU A 194 -10.01 -23.93 -1.40
N LYS A 195 -10.19 -23.55 -0.13
CA LYS A 195 -11.23 -24.14 0.71
C LYS A 195 -12.29 -23.13 1.14
N ARG A 196 -12.28 -21.95 0.52
CA ARG A 196 -13.28 -20.89 0.76
C ARG A 196 -13.15 -20.33 2.17
N LEU A 197 -11.94 -20.36 2.70
CA LEU A 197 -11.67 -19.74 3.98
C LEU A 197 -11.55 -18.20 3.85
N ALA A 198 -10.97 -17.72 2.74
CA ALA A 198 -10.81 -16.24 2.56
C ALA A 198 -12.14 -15.50 2.65
N PRO A 199 -13.19 -15.98 1.96
CA PRO A 199 -14.49 -15.33 2.15
C PRO A 199 -15.00 -15.21 3.59
N ILE A 200 -14.77 -16.24 4.40
CA ILE A 200 -15.20 -16.20 5.78
C ILE A 200 -14.42 -15.14 6.54
N LEU A 201 -13.11 -15.04 6.28
CA LEU A 201 -12.30 -13.98 6.92
C LEU A 201 -12.81 -12.61 6.54
N ILE A 202 -13.15 -12.46 5.27
CA ILE A 202 -13.63 -11.19 4.76
C ILE A 202 -14.99 -10.84 5.39
N LYS A 203 -15.87 -11.84 5.54
CA LYS A 203 -17.19 -11.61 6.18
C LYS A 203 -17.06 -11.20 7.64
N GLU A 204 -16.13 -11.81 8.35
CA GLU A 204 -15.92 -11.52 9.77
C GLU A 204 -15.27 -10.14 9.92
N ALA A 205 -14.29 -9.82 9.09
CA ALA A 205 -13.72 -8.47 9.12
C ALA A 205 -14.81 -7.44 8.82
N THR A 206 -15.64 -7.67 7.79
CA THR A 206 -16.77 -6.76 7.49
C THR A 206 -17.67 -6.59 8.70
N ARG A 207 -17.99 -7.70 9.37
CA ARG A 207 -18.87 -7.63 10.54
C ARG A 207 -18.22 -6.78 11.65
N ARG A 208 -16.94 -7.02 11.94
CA ARG A 208 -16.30 -6.26 13.01
C ARG A 208 -16.20 -4.79 12.71
N VAL A 209 -16.01 -4.45 11.44
CA VAL A 209 -15.96 -3.05 11.01
C VAL A 209 -17.35 -2.40 11.05
N ASN A 210 -18.35 -3.07 10.50
CA ASN A 210 -19.71 -2.55 10.58
C ASN A 210 -20.22 -2.31 12.02
N ARG A 211 -19.80 -3.15 12.98
CA ARG A 211 -20.21 -3.05 14.40
C ARG A 211 -19.68 -1.74 15.00
N THR A 212 -18.72 -1.15 14.28
CA THR A 212 -18.05 0.07 14.67
C THR A 212 -18.66 1.27 13.89
N ASN A 213 -19.70 1.01 13.11
CA ASN A 213 -20.43 2.01 12.32
C ASN A 213 -19.65 2.52 11.12
N VAL A 214 -18.78 1.66 10.60
CA VAL A 214 -18.03 1.97 9.38
C VAL A 214 -18.52 1.02 8.30
N TRP A 215 -18.78 1.55 7.09
CA TRP A 215 -19.50 0.80 6.06
C TRP A 215 -18.78 0.75 4.73
N GLN A 216 -17.60 1.39 4.67
CA GLN A 216 -16.73 1.30 3.47
C GLN A 216 -15.35 0.83 3.85
N ALA A 217 -14.68 0.26 2.87
CA ALA A 217 -13.25 -0.03 3.00
C ALA A 217 -12.55 0.27 1.72
N VAL A 218 -11.24 0.44 1.83
CA VAL A 218 -10.37 0.59 0.67
C VAL A 218 -9.35 -0.56 0.77
N TYR A 219 -9.01 -1.17 -0.35
CA TYR A 219 -8.02 -2.28 -0.36
C TYR A 219 -7.31 -2.30 -1.70
N THR A 220 -6.09 -2.85 -1.72
CA THR A 220 -5.43 -3.09 -3.00
C THR A 220 -5.09 -4.55 -3.12
N ALA A 221 -4.97 -5.03 -4.36
CA ALA A 221 -4.45 -6.35 -4.62
C ALA A 221 -3.68 -6.34 -5.91
N GLY A 222 -2.78 -7.30 -6.04
CA GLY A 222 -2.10 -7.49 -7.32
C GLY A 222 -3.00 -8.20 -8.31
N VAL A 223 -3.99 -8.93 -7.83
CA VAL A 223 -4.86 -9.70 -8.72
C VAL A 223 -6.06 -8.89 -9.12
N LEU A 224 -6.67 -9.23 -10.24
CA LEU A 224 -7.87 -8.54 -10.74
C LEU A 224 -9.10 -9.22 -10.17
N LEU A 225 -9.89 -8.46 -9.43
CA LEU A 225 -11.16 -8.84 -8.81
C LEU A 225 -12.25 -7.89 -9.29
N PRO A 226 -13.53 -8.23 -9.02
CA PRO A 226 -14.56 -7.22 -9.32
C PRO A 226 -14.55 -6.15 -8.22
N THR A 227 -14.34 -4.87 -8.55
CA THR A 227 -13.92 -4.32 -9.84
C THR A 227 -13.12 -3.07 -9.41
N PRO A 228 -11.90 -2.91 -9.92
CA PRO A 228 -11.10 -1.77 -9.42
C PRO A 228 -11.65 -0.42 -9.88
N TYR A 229 -11.42 0.59 -9.06
CA TYR A 229 -11.66 1.95 -9.51
C TYR A 229 -10.41 2.60 -10.08
N ALA A 230 -9.23 1.98 -9.89
CA ALA A 230 -8.01 2.48 -10.48
C ALA A 230 -7.02 1.36 -10.51
N SER A 231 -6.05 1.46 -11.40
CA SER A 231 -4.99 0.43 -11.48
C SER A 231 -3.72 1.11 -11.91
N GLY A 232 -2.57 0.72 -11.34
CA GLY A 232 -1.28 1.24 -11.78
C GLY A 232 -0.25 0.16 -11.89
N GLN A 233 0.65 0.32 -12.84
CA GLN A 233 1.78 -0.56 -13.00
C GLN A 233 2.79 -0.33 -11.88
N TYR A 234 3.50 -1.39 -11.47
CA TYR A 234 4.69 -1.21 -10.63
C TYR A 234 5.87 -0.76 -11.49
N PHE A 235 6.75 0.03 -10.85
CA PHE A 235 8.03 0.49 -11.41
C PHE A 235 9.16 0.15 -10.42
N HIS A 236 10.33 -0.13 -10.99
CA HIS A 236 11.47 -0.59 -10.21
C HIS A 236 12.70 0.19 -10.65
N ARG A 237 13.49 0.62 -9.68
CA ARG A 237 14.77 1.28 -9.93
C ARG A 237 15.88 0.43 -9.32
N SER A 238 16.73 -0.15 -10.17
CA SER A 238 17.81 -1.03 -9.69
C SER A 238 18.80 -0.24 -8.88
N LEU A 239 19.09 -0.71 -7.69
CA LEU A 239 20.17 -0.14 -6.88
C LEU A 239 21.42 -1.05 -6.81
N ASN A 240 21.21 -2.35 -6.77
CA ASN A 240 22.28 -3.37 -6.75
C ASN A 240 22.01 -4.34 -7.92
N PRO A 241 22.30 -3.92 -9.17
CA PRO A 241 21.86 -4.73 -10.30
C PRO A 241 22.55 -6.09 -10.33
N GLU A 242 23.79 -6.22 -9.84
CA GLU A 242 24.47 -7.52 -9.90
C GLU A 242 23.69 -8.55 -9.08
N LYS A 243 23.23 -8.15 -7.90
CA LYS A 243 22.46 -9.05 -7.06
C LYS A 243 21.08 -9.30 -7.68
N LEU A 244 20.47 -8.26 -8.22
CA LEU A 244 19.14 -8.44 -8.82
C LEU A 244 19.18 -9.43 -9.98
N VAL A 245 20.22 -9.35 -10.80
CA VAL A 245 20.38 -10.33 -11.89
C VAL A 245 20.68 -11.74 -11.30
N GLU A 246 21.56 -11.81 -10.31
CA GLU A 246 21.91 -13.08 -9.65
C GLU A 246 20.67 -13.82 -9.15
N ILE A 247 19.76 -13.09 -8.51
CA ILE A 247 18.54 -13.71 -7.96
C ILE A 247 17.38 -13.78 -8.99
N ARG A 248 17.62 -13.33 -10.22
CA ARG A 248 16.64 -13.35 -11.31
C ARG A 248 15.41 -12.46 -11.09
N PHE A 249 15.56 -11.44 -10.25
CA PHE A 249 14.58 -10.36 -10.24
C PHE A 249 14.69 -9.58 -11.54
N SER A 250 15.93 -9.38 -11.99
CA SER A 250 16.26 -8.70 -13.25
C SER A 250 17.04 -9.64 -14.13
N GLY A 251 17.13 -9.32 -15.41
CA GLY A 251 18.11 -10.01 -16.26
C GLY A 251 18.96 -8.92 -16.88
N ILE A 252 20.04 -9.33 -17.55
CA ILE A 252 20.85 -8.38 -18.32
C ILE A 252 20.10 -8.14 -19.63
N PRO A 253 19.68 -6.90 -19.92
CA PRO A 253 18.88 -6.69 -21.13
C PRO A 253 19.67 -6.91 -22.43
N ALA A 254 19.00 -7.45 -23.45
CA ALA A 254 19.62 -7.85 -24.73
C ALA A 254 20.63 -6.86 -25.28
N GLN A 255 20.28 -5.59 -25.14
CA GLN A 255 20.99 -4.46 -25.69
C GLN A 255 22.44 -4.43 -25.17
N TYR A 256 22.61 -4.90 -23.93
CA TYR A 256 23.92 -4.88 -23.26
C TYR A 256 24.90 -5.94 -23.76
N GLN A 257 24.41 -6.91 -24.52
CA GLN A 257 25.26 -7.97 -25.07
C GLN A 257 26.18 -7.47 -26.17
N LYS A 258 25.94 -6.26 -26.65
CA LYS A 258 26.86 -5.65 -27.61
C LYS A 258 28.12 -5.11 -26.92
N PHE A 259 28.17 -5.18 -25.59
CA PHE A 259 29.35 -4.74 -24.85
C PHE A 259 30.24 -5.92 -24.49
N GLN A 260 31.52 -5.62 -24.32
CA GLN A 260 32.49 -6.62 -23.89
C GLN A 260 32.24 -7.13 -22.44
N ASN A 261 31.72 -6.27 -21.58
CA ASN A 261 31.37 -6.69 -20.23
C ASN A 261 29.98 -6.19 -19.91
N PRO A 262 28.96 -7.00 -20.18
CA PRO A 262 27.59 -6.52 -20.03
C PRO A 262 27.28 -6.11 -18.59
N MET A 263 27.74 -6.91 -17.62
CA MET A 263 27.44 -6.61 -16.22
C MET A 263 28.14 -5.34 -15.76
N ALA A 264 29.39 -5.13 -16.16
CA ALA A 264 30.05 -3.85 -15.81
C ALA A 264 29.30 -2.62 -16.32
N MET A 265 28.79 -2.70 -17.54
CA MET A 265 28.00 -1.60 -18.11
C MET A 265 26.66 -1.41 -17.40
N LEU A 266 26.04 -2.52 -16.99
CA LEU A 266 24.80 -2.49 -16.26
C LEU A 266 25.04 -1.82 -14.90
N LYS A 267 26.12 -2.21 -14.22
CA LYS A 267 26.46 -1.58 -12.92
C LYS A 267 26.68 -0.08 -13.10
N ARG A 268 27.42 0.27 -14.14
CA ARG A 268 27.66 1.66 -14.49
C ARG A 268 26.39 2.44 -14.73
N ASN A 269 25.46 1.86 -15.49
CA ASN A 269 24.19 2.47 -15.84
C ASN A 269 23.47 2.86 -14.56
N TYR A 270 23.58 2.03 -13.51
CA TYR A 270 22.74 2.25 -12.32
C TYR A 270 23.45 2.95 -11.16
N GLN A 271 24.72 3.30 -11.39
CA GLN A 271 25.56 3.91 -10.33
C GLN A 271 24.93 5.21 -9.85
N LEU A 272 25.07 5.43 -8.55
CA LEU A 272 24.52 6.58 -7.88
C LEU A 272 25.59 7.28 -7.03
N PRO A 273 25.40 8.59 -6.80
CA PRO A 273 26.22 9.24 -5.76
C PRO A 273 26.22 8.50 -4.44
N SER A 274 27.31 8.66 -3.69
CA SER A 274 27.45 8.01 -2.37
C SER A 274 26.95 8.88 -1.21
N ALA A 275 26.45 10.07 -1.51
CA ALA A 275 25.93 11.01 -0.49
C ALA A 275 24.90 11.88 -1.15
N PRO A 276 23.89 12.31 -0.39
CA PRO A 276 22.81 13.05 -1.00
C PRO A 276 23.31 14.35 -1.59
N LYS A 277 22.63 14.83 -2.61
CA LYS A 277 23.04 16.03 -3.31
C LYS A 277 22.34 17.30 -2.82
N ASN A 278 21.16 17.17 -2.19
CA ASN A 278 20.45 18.34 -1.77
C ASN A 278 21.05 18.90 -0.50
N SER A 279 21.38 20.19 -0.57
CA SER A 279 21.79 20.95 0.58
C SER A 279 20.70 20.88 1.64
N GLY A 280 21.08 20.55 2.87
CA GLY A 280 20.13 20.66 3.96
C GLY A 280 19.21 19.47 4.10
N LEU A 281 19.45 18.40 3.35
CA LEU A 281 18.73 17.14 3.61
C LEU A 281 19.10 16.58 4.97
N ARG A 282 18.10 16.21 5.77
CA ARG A 282 18.38 15.57 7.04
C ARG A 282 17.18 14.71 7.39
N GLU A 283 17.35 13.80 8.33
CA GLU A 283 16.22 13.02 8.82
C GLU A 283 15.17 13.91 9.47
N MET A 284 13.91 13.52 9.33
CA MET A 284 12.77 14.22 9.93
C MET A 284 12.79 14.03 11.44
N LYS A 285 12.40 15.10 12.15
CA LYS A 285 12.31 15.15 13.59
C LYS A 285 10.87 15.46 14.03
N PRO A 286 10.54 15.20 15.31
CA PRO A 286 9.19 15.52 15.78
C PRO A 286 8.80 16.97 15.54
N SER A 287 9.73 17.90 15.70
CA SER A 287 9.42 19.30 15.44
C SER A 287 8.98 19.59 13.99
N ASP A 288 9.32 18.70 13.06
CA ASP A 288 8.99 18.87 11.63
C ASP A 288 7.53 18.53 11.34
N VAL A 289 6.83 17.90 12.30
CA VAL A 289 5.51 17.35 12.00
C VAL A 289 4.51 18.37 11.44
N PRO A 290 4.37 19.54 12.09
CA PRO A 290 3.39 20.51 11.55
C PRO A 290 3.70 20.98 10.08
N GLN A 291 4.98 21.22 9.76
CA GLN A 291 5.36 21.75 8.46
C GLN A 291 5.13 20.62 7.43
N VAL A 292 5.54 19.40 7.80
CA VAL A 292 5.41 18.28 6.90
C VAL A 292 3.95 17.96 6.64
N ARG A 293 3.14 18.04 7.71
CA ARG A 293 1.69 17.89 7.53
C ARG A 293 1.16 18.94 6.53
N ARG A 294 1.53 20.21 6.73
CA ARG A 294 1.09 21.31 5.86
C ARG A 294 1.42 21.07 4.38
N ILE A 295 2.69 20.76 4.09
CA ILE A 295 3.09 20.65 2.70
C ILE A 295 2.57 19.37 2.10
N LEU A 296 2.48 18.32 2.92
CA LEU A 296 1.88 17.11 2.39
C LEU A 296 0.39 17.28 2.06
N MET A 297 -0.38 17.82 2.99
CA MET A 297 -1.81 17.93 2.78
C MET A 297 -2.13 18.87 1.63
N ASN A 298 -1.36 19.97 1.50
CA ASN A 298 -1.51 20.87 0.35
C ASN A 298 -1.36 20.14 -0.98
N TYR A 299 -0.36 19.27 -1.03
CA TYR A 299 0.00 18.51 -2.25
C TYR A 299 -1.07 17.46 -2.51
N LEU A 300 -1.43 16.68 -1.48
CA LEU A 300 -2.37 15.57 -1.74
C LEU A 300 -3.76 16.05 -2.15
N ASP A 301 -4.12 17.28 -1.78
CA ASP A 301 -5.36 17.93 -2.26
C ASP A 301 -5.58 17.91 -3.77
N SER A 302 -4.50 17.90 -4.54
CA SER A 302 -4.61 17.92 -5.98
C SER A 302 -5.10 16.60 -6.56
N PHE A 303 -5.22 15.55 -5.74
CA PHE A 303 -5.59 14.22 -6.22
C PHE A 303 -7.05 13.90 -5.89
N ASP A 304 -7.69 13.08 -6.71
CA ASP A 304 -9.09 12.71 -6.44
C ASP A 304 -9.29 11.86 -5.20
N VAL A 305 -8.40 10.89 -4.96
CA VAL A 305 -8.57 10.00 -3.83
C VAL A 305 -7.29 10.12 -3.01
N GLY A 306 -7.41 10.50 -1.75
CA GLY A 306 -6.21 10.67 -0.94
C GLY A 306 -6.54 10.73 0.54
N PRO A 307 -5.57 10.37 1.40
CA PRO A 307 -5.76 10.42 2.85
C PRO A 307 -5.67 11.83 3.41
N VAL A 308 -6.39 12.03 4.50
CA VAL A 308 -6.22 13.20 5.34
C VAL A 308 -5.52 12.74 6.61
N PHE A 309 -4.44 13.40 7.01
CA PHE A 309 -3.62 12.93 8.12
C PHE A 309 -3.61 14.03 9.18
N SER A 310 -3.93 13.62 10.41
CA SER A 310 -3.68 14.46 11.59
C SER A 310 -2.20 14.59 11.92
N ASP A 311 -1.85 15.51 12.84
CA ASP A 311 -0.46 15.52 13.33
C ASP A 311 -0.04 14.15 13.87
N ALA A 312 -0.92 13.50 14.63
CA ALA A 312 -0.58 12.19 15.21
C ALA A 312 -0.30 11.17 14.10
N GLU A 313 -1.08 11.25 13.03
CA GLU A 313 -0.87 10.33 11.92
C GLU A 313 0.35 10.64 11.09
N ILE A 314 0.70 11.92 10.91
CA ILE A 314 1.94 12.31 10.26
C ILE A 314 3.12 11.75 11.10
N SER A 315 3.07 11.96 12.41
CA SER A 315 4.13 11.45 13.27
C SER A 315 4.27 9.94 13.13
N HIS A 316 3.14 9.24 13.21
CA HIS A 316 3.17 7.80 13.13
C HIS A 316 3.71 7.30 11.79
N TYR A 317 3.20 7.84 10.69
CA TYR A 317 3.52 7.24 9.41
C TYR A 317 4.82 7.76 8.81
N LEU A 318 5.32 8.90 9.32
CA LEU A 318 6.50 9.50 8.69
C LEU A 318 7.74 9.61 9.61
N LEU A 319 7.57 9.67 10.92
CA LEU A 319 8.81 9.77 11.71
C LEU A 319 9.66 8.51 11.53
N PRO A 320 11.00 8.66 11.33
CA PRO A 320 11.87 7.54 11.12
C PRO A 320 11.70 6.42 12.16
N ARG A 321 11.62 5.18 11.67
CA ARG A 321 11.70 4.00 12.52
C ARG A 321 12.69 3.06 11.90
N ASP A 322 13.71 2.71 12.66
CA ASP A 322 14.78 1.83 12.20
C ASP A 322 14.24 0.59 11.50
N GLY A 323 14.76 0.32 10.31
CA GLY A 323 14.41 -0.89 9.57
C GLY A 323 13.03 -0.91 8.94
N VAL A 324 12.29 0.18 9.09
CA VAL A 324 10.87 0.23 8.72
C VAL A 324 10.54 1.41 7.81
N VAL A 325 10.70 2.62 8.30
CA VAL A 325 10.36 3.81 7.49
C VAL A 325 11.45 4.86 7.69
N PHE A 326 11.80 5.51 6.58
CA PHE A 326 12.93 6.41 6.49
C PHE A 326 12.39 7.71 5.88
N THR A 327 12.60 8.85 6.53
CA THR A 327 11.99 10.09 6.07
C THR A 327 12.98 11.20 6.25
N TYR A 328 13.13 11.98 5.19
CA TYR A 328 14.11 13.06 5.12
C TYR A 328 13.44 14.31 4.69
N VAL A 329 13.87 15.41 5.28
CA VAL A 329 13.34 16.70 4.91
C VAL A 329 14.45 17.57 4.30
N VAL A 330 14.06 18.47 3.40
CA VAL A 330 14.97 19.50 2.91
C VAL A 330 14.75 20.71 3.80
N GLU A 331 15.74 21.03 4.61
CA GLU A 331 15.61 22.21 5.44
C GLU A 331 16.80 23.10 5.18
N ASN A 332 16.52 24.21 4.51
CA ASN A 332 17.56 25.22 4.36
C ASN A 332 17.17 26.49 5.08
N ASP A 333 18.12 26.99 5.86
CA ASP A 333 17.97 28.25 6.55
C ASP A 333 16.80 28.23 7.56
N LYS A 334 16.64 27.05 8.15
CA LYS A 334 15.72 26.84 9.25
C LYS A 334 14.27 26.67 8.80
N LYS A 335 14.05 26.41 7.51
CA LYS A 335 12.71 26.13 7.04
C LYS A 335 12.62 24.83 6.21
N VAL A 336 11.59 24.04 6.47
CA VAL A 336 11.35 22.78 5.72
C VAL A 336 10.50 23.03 4.48
N THR A 337 11.08 22.68 3.34
CA THR A 337 10.51 23.05 2.08
C THR A 337 10.05 21.83 1.28
N ASP A 338 10.64 20.67 1.59
CA ASP A 338 10.43 19.44 0.81
C ASP A 338 10.64 18.29 1.74
N PHE A 339 10.11 17.12 1.39
CA PHE A 339 10.41 15.92 2.17
C PHE A 339 10.14 14.71 1.30
N PHE A 340 10.79 13.60 1.62
CA PHE A 340 10.43 12.31 1.01
C PHE A 340 10.51 11.22 2.08
N SER A 341 9.78 10.14 1.83
CA SER A 341 9.80 9.02 2.73
C SER A 341 9.82 7.75 1.89
N PHE A 342 10.44 6.71 2.43
CA PHE A 342 10.37 5.36 1.83
C PHE A 342 10.23 4.33 2.94
N TYR A 343 9.63 3.20 2.64
CA TYR A 343 9.55 2.11 3.64
C TYR A 343 10.22 0.80 3.15
N ARG A 344 10.59 -0.08 4.09
CA ARG A 344 11.32 -1.29 3.77
C ARG A 344 10.42 -2.50 3.86
N ILE A 345 10.37 -3.23 2.76
CA ILE A 345 9.88 -4.62 2.80
C ILE A 345 10.88 -5.57 2.14
N PRO A 346 11.56 -6.42 2.93
CA PRO A 346 12.38 -7.43 2.29
C PRO A 346 11.51 -8.54 1.74
N SER A 347 11.97 -9.16 0.66
CA SER A 347 11.33 -10.38 0.18
C SER A 347 12.28 -11.56 0.35
N THR A 348 11.78 -12.68 0.88
CA THR A 348 12.56 -13.93 0.94
C THR A 348 12.89 -14.39 -0.46
N VAL A 349 14.17 -14.66 -0.72
CA VAL A 349 14.61 -15.24 -1.98
C VAL A 349 14.55 -16.73 -1.81
N ILE A 350 13.57 -17.35 -2.46
CA ILE A 350 13.18 -18.75 -2.19
C ILE A 350 14.16 -19.77 -2.74
N GLY A 351 14.64 -19.53 -3.95
CA GLY A 351 15.30 -20.56 -4.72
C GLY A 351 16.80 -20.36 -4.81
N ASN A 352 17.26 -19.13 -4.64
CA ASN A 352 18.68 -18.82 -4.76
C ASN A 352 19.37 -19.24 -3.50
N SER A 353 20.53 -19.85 -3.68
CA SER A 353 21.34 -20.33 -2.57
C SER A 353 22.23 -19.25 -1.94
N ASN A 354 22.75 -18.34 -2.76
CA ASN A 354 23.70 -17.26 -2.35
C ASN A 354 23.15 -16.05 -1.56
N TYR A 355 21.85 -15.79 -1.69
CA TYR A 355 21.21 -14.67 -1.00
C TYR A 355 19.96 -15.16 -0.35
N ASN A 356 19.67 -14.65 0.84
CA ASN A 356 18.43 -15.01 1.51
C ASN A 356 17.30 -13.99 1.29
N LEU A 357 17.68 -12.72 1.09
CA LEU A 357 16.69 -11.62 1.01
C LEU A 357 16.93 -10.68 -0.16
N LEU A 358 15.83 -10.13 -0.69
CA LEU A 358 15.86 -8.98 -1.61
C LEU A 358 15.36 -7.80 -0.78
N ASN A 359 16.23 -6.82 -0.55
CA ASN A 359 15.94 -5.69 0.34
C ASN A 359 15.37 -4.55 -0.47
N ALA A 360 14.06 -4.44 -0.46
CA ALA A 360 13.40 -3.43 -1.28
C ALA A 360 12.93 -2.20 -0.49
N ALA A 361 13.19 -1.03 -1.08
CA ALA A 361 12.69 0.24 -0.56
C ALA A 361 11.51 0.68 -1.41
N TYR A 362 10.44 1.13 -0.79
CA TYR A 362 9.21 1.54 -1.49
C TYR A 362 8.94 3.00 -1.34
N VAL A 363 8.70 3.68 -2.47
CA VAL A 363 8.45 5.11 -2.38
C VAL A 363 7.15 5.33 -1.59
N HIS A 364 7.24 6.15 -0.56
CA HIS A 364 6.08 6.44 0.35
C HIS A 364 5.53 7.84 0.00
N TYR A 365 5.16 8.66 0.99
CA TYR A 365 4.76 10.04 0.73
C TYR A 365 5.95 10.97 0.54
N TYR A 366 5.71 12.04 -0.19
CA TYR A 366 6.68 13.09 -0.43
C TYR A 366 5.97 14.38 -0.81
N ALA A 367 6.71 15.49 -0.77
CA ALA A 367 6.16 16.74 -1.28
C ALA A 367 7.34 17.60 -1.63
N ALA A 368 7.26 18.27 -2.77
CA ALA A 368 8.32 19.16 -3.22
C ALA A 368 7.72 20.54 -3.45
N THR A 369 8.36 21.55 -2.84
CA THR A 369 7.99 22.95 -3.08
C THR A 369 9.17 23.82 -3.55
N SER A 370 10.39 23.39 -3.28
CA SER A 370 11.60 24.18 -3.62
C SER A 370 12.43 23.65 -4.77
N ILE A 371 12.30 22.35 -5.05
CA ILE A 371 13.11 21.67 -6.05
C ILE A 371 12.21 20.80 -6.89
N PRO A 372 12.67 20.45 -8.10
CA PRO A 372 11.87 19.55 -8.90
C PRO A 372 11.81 18.17 -8.26
N LEU A 373 10.72 17.46 -8.53
CA LEU A 373 10.51 16.17 -7.92
C LEU A 373 11.64 15.19 -8.22
N HIS A 374 12.13 15.18 -9.46
CA HIS A 374 13.22 14.29 -9.76
C HIS A 374 14.47 14.55 -8.90
N GLN A 375 14.75 15.82 -8.58
CA GLN A 375 15.91 16.16 -7.77
C GLN A 375 15.71 15.66 -6.31
N LEU A 376 14.46 15.70 -5.86
CA LEU A 376 14.15 15.22 -4.50
C LEU A 376 14.28 13.71 -4.41
N ILE A 377 13.69 13.03 -5.40
CA ILE A 377 13.69 11.58 -5.41
C ILE A 377 15.06 10.97 -5.72
N LEU A 378 15.93 11.70 -6.44
CA LEU A 378 17.28 11.18 -6.62
C LEU A 378 17.93 10.96 -5.27
N ASP A 379 17.68 11.87 -4.34
CA ASP A 379 18.26 11.67 -2.99
C ASP A 379 17.65 10.48 -2.25
N LEU A 380 16.39 10.21 -2.49
CA LEU A 380 15.78 8.95 -2.03
C LEU A 380 16.57 7.73 -2.51
N LEU A 381 16.87 7.67 -3.82
CA LEU A 381 17.65 6.55 -4.36
C LEU A 381 19.02 6.48 -3.73
N ILE A 382 19.63 7.65 -3.54
CA ILE A 382 20.98 7.73 -2.95
C ILE A 382 20.97 7.18 -1.53
N VAL A 383 20.06 7.68 -0.70
CA VAL A 383 19.92 7.20 0.66
C VAL A 383 19.64 5.68 0.73
N ALA A 384 18.69 5.23 -0.10
CA ALA A 384 18.32 3.84 -0.09
C ALA A 384 19.52 2.95 -0.50
N HIS A 385 20.22 3.36 -1.54
CA HIS A 385 21.41 2.65 -1.94
C HIS A 385 22.49 2.62 -0.83
N SER A 386 22.75 3.78 -0.21
CA SER A 386 23.74 3.83 0.90
C SER A 386 23.40 2.90 2.06
N ARG A 387 22.11 2.72 2.29
CA ARG A 387 21.61 1.90 3.39
C ARG A 387 21.48 0.43 3.03
N GLY A 388 21.91 0.03 1.85
CA GLY A 388 21.91 -1.38 1.52
C GLY A 388 20.65 -1.93 0.87
N PHE A 389 19.80 -1.05 0.38
CA PHE A 389 18.67 -1.55 -0.40
C PHE A 389 19.08 -1.95 -1.81
N ASP A 390 18.41 -2.96 -2.32
CA ASP A 390 18.72 -3.53 -3.63
C ASP A 390 17.93 -2.93 -4.81
N VAL A 391 16.74 -2.42 -4.53
CA VAL A 391 15.85 -1.92 -5.59
C VAL A 391 14.94 -0.95 -4.89
N CYS A 392 14.46 0.04 -5.66
CA CYS A 392 13.43 0.96 -5.20
C CYS A 392 12.18 0.71 -6.02
N ASN A 393 11.08 0.44 -5.32
CA ASN A 393 9.79 0.08 -5.96
C ASN A 393 8.75 1.16 -5.74
N MET A 394 7.81 1.27 -6.67
CA MET A 394 6.65 2.15 -6.47
C MET A 394 5.56 1.80 -7.48
N VAL A 395 4.35 2.28 -7.21
CA VAL A 395 3.25 2.19 -8.18
C VAL A 395 3.16 3.58 -8.80
N GLU A 396 2.68 3.63 -10.05
CA GLU A 396 2.56 4.90 -10.78
C GLU A 396 1.46 5.82 -10.25
N ILE A 397 1.30 5.88 -8.91
CA ILE A 397 0.35 6.83 -8.30
C ILE A 397 1.03 8.18 -8.02
N LEU A 398 0.30 9.11 -7.40
CA LEU A 398 0.84 10.44 -7.10
C LEU A 398 1.45 11.03 -8.41
N ASP A 399 2.60 11.70 -8.30
CA ASP A 399 3.35 12.17 -9.48
C ASP A 399 4.55 11.26 -9.77
N ASN A 400 4.43 9.98 -9.44
CA ASN A 400 5.55 9.08 -9.62
C ASN A 400 5.98 8.97 -11.09
N ARG A 401 5.03 9.17 -12.04
CA ARG A 401 5.43 9.14 -13.44
C ARG A 401 6.42 10.25 -13.83
N SER A 402 6.42 11.36 -13.07
CA SER A 402 7.17 12.56 -13.45
C SER A 402 8.68 12.39 -13.36
N PHE A 403 9.16 11.36 -12.66
CA PHE A 403 10.60 11.11 -12.57
C PHE A 403 11.06 9.74 -13.06
N VAL A 404 10.16 8.96 -13.65
CA VAL A 404 10.50 7.63 -14.08
C VAL A 404 11.70 7.56 -14.99
N GLU A 405 11.68 8.35 -16.07
CA GLU A 405 12.71 8.19 -17.11
C GLU A 405 14.07 8.69 -16.69
N GLN A 406 14.09 9.88 -16.14
CA GLN A 406 15.36 10.48 -15.73
C GLN A 406 16.04 9.64 -14.67
N LEU A 407 15.26 9.12 -13.73
CA LEU A 407 15.86 8.35 -12.63
C LEU A 407 15.97 6.87 -12.94
N LYS A 408 15.65 6.50 -14.19
CA LYS A 408 15.89 5.14 -14.69
C LYS A 408 15.04 4.06 -14.01
N PHE A 409 13.81 4.39 -13.63
CA PHE A 409 12.87 3.36 -13.24
C PHE A 409 12.40 2.67 -14.51
N GLY A 410 12.00 1.42 -14.37
CA GLY A 410 11.43 0.66 -15.48
C GLY A 410 10.14 0.03 -14.99
N ALA A 411 9.13 -0.03 -15.85
CA ALA A 411 7.92 -0.76 -15.51
C ALA A 411 8.17 -2.24 -15.31
N GLY A 412 7.53 -2.81 -14.30
CA GLY A 412 7.61 -4.27 -14.05
C GLY A 412 6.38 -4.98 -14.62
N ASP A 413 6.22 -6.26 -14.30
CA ASP A 413 5.06 -7.01 -14.80
CA ASP A 413 5.07 -7.01 -14.80
C ASP A 413 3.87 -6.90 -13.86
N GLY A 414 4.10 -6.36 -12.67
CA GLY A 414 3.03 -6.26 -11.66
C GLY A 414 2.15 -5.04 -11.83
N HIS A 415 0.92 -5.15 -11.33
CA HIS A 415 -0.02 -4.04 -11.32
C HIS A 415 -0.63 -4.03 -9.94
N LEU A 416 -0.83 -2.87 -9.35
CA LEU A 416 -1.59 -2.78 -8.11
C LEU A 416 -2.94 -2.19 -8.44
N ARG A 417 -3.98 -2.95 -8.11
CA ARG A 417 -5.34 -2.53 -8.40
C ARG A 417 -5.93 -2.00 -7.11
N TYR A 418 -6.66 -0.89 -7.21
CA TYR A 418 -7.27 -0.16 -6.07
C TYR A 418 -8.78 -0.42 -6.08
N TYR A 419 -9.31 -0.82 -4.94
CA TYR A 419 -10.72 -1.21 -4.76
C TYR A 419 -11.35 -0.51 -3.60
N PHE A 420 -12.64 -0.24 -3.74
CA PHE A 420 -13.47 0.06 -2.57
C PHE A 420 -14.46 -1.06 -2.32
N TYR A 421 -14.82 -1.22 -1.04
CA TYR A 421 -15.94 -2.06 -0.62
C TYR A 421 -17.14 -1.17 -0.31
N ASN A 422 -18.28 -1.47 -0.91
CA ASN A 422 -19.51 -0.69 -0.70
C ASN A 422 -19.36 0.79 -1.08
N TRP A 423 -18.69 1.05 -2.20
CA TRP A 423 -18.57 2.44 -2.67
C TRP A 423 -18.51 2.44 -4.18
N ALA A 424 -19.51 3.09 -4.79
CA ALA A 424 -19.53 3.27 -6.24
C ALA A 424 -18.59 4.39 -6.56
N TYR A 425 -17.69 4.17 -7.50
CA TYR A 425 -16.73 5.23 -7.80
C TYR A 425 -16.35 5.28 -9.29
N PRO A 426 -16.42 6.47 -9.93
CA PRO A 426 -16.01 6.51 -11.33
C PRO A 426 -14.53 6.11 -11.51
N LYS A 427 -14.22 5.44 -12.61
CA LYS A 427 -12.85 5.01 -12.88
C LYS A 427 -11.94 6.23 -12.93
N ILE A 428 -10.82 6.17 -12.21
CA ILE A 428 -9.86 7.22 -12.32
C ILE A 428 -8.48 6.68 -12.73
N LYS A 429 -7.67 7.56 -13.33
CA LYS A 429 -6.25 7.28 -13.60
C LYS A 429 -5.46 7.07 -12.30
N PRO A 430 -4.37 6.29 -12.36
CA PRO A 430 -3.60 6.14 -11.13
C PRO A 430 -2.90 7.41 -10.67
N SER A 431 -2.62 8.32 -11.60
CA SER A 431 -2.05 9.61 -11.23
C SER A 431 -3.09 10.53 -10.55
N GLN A 432 -4.30 10.03 -10.32
CA GLN A 432 -5.29 10.75 -9.49
C GLN A 432 -5.49 10.08 -8.13
N VAL A 433 -4.62 9.09 -7.82
CA VAL A 433 -4.65 8.36 -6.54
C VAL A 433 -3.46 8.84 -5.69
N ALA A 434 -3.72 9.21 -4.45
CA ALA A 434 -2.69 9.71 -3.56
C ALA A 434 -2.57 8.86 -2.29
N LEU A 435 -3.24 7.71 -2.26
CA LEU A 435 -3.17 6.80 -1.11
C LEU A 435 -2.10 5.71 -1.32
N VAL A 436 -0.98 5.76 -0.56
CA VAL A 436 0.05 4.73 -0.61
C VAL A 436 -0.42 3.53 0.22
N MET A 437 -0.31 2.35 -0.37
CA MET A 437 -0.81 1.16 0.29
C MET A 437 0.37 0.22 0.61
N LEU A 438 0.49 -0.16 1.87
CA LEU A 438 1.72 -0.83 2.38
C LEU A 438 1.80 -2.31 2.04
#